data_5YN6
#
_entry.id   5YN6
#
_cell.length_a   66.962
_cell.length_b   70.171
_cell.length_c   119.804
_cell.angle_alpha   90.00
_cell.angle_beta   90.00
_cell.angle_gamma   90.00
#
_symmetry.space_group_name_H-M   'P 21 2 21'
#
loop_
_entity.id
_entity.type
_entity.pdbx_description
1 polymer 'nsp16 protein'
2 polymer 'nsp10 protein'
3 non-polymer S-ADENOSYLMETHIONINE
4 non-polymer 'ZINC ION'
5 water water
#
loop_
_entity_poly.entity_id
_entity_poly.type
_entity_poly.pdbx_seq_one_letter_code
_entity_poly.pdbx_strand_id
1 'polypeptide(L)'
;ASADWKPGHAMPSLFKVQNVNLERCELANYKQSIPMPRGVHMNIAKYMQLCQYLNTCTLAVPANMRVIHFGAGSDKGIAP
GTSVLRQWLPTDAIIIDNDLNEFVSDADITLFGDCVTVRVGQQVDLVISDMYDPTTKNVTGSNESKALFFTYLCNLINNN
LALGGSVAIKITEHSWSVELYELMGKFAWWTVFCTNANASSSEGFLLGINYLGTIKENIDGGAMHANYIFWRNSTPMNLS
TYSLFDLSKFQLKLKGTPVLQLKESQINELVISLLSQGKLLIRDNDTLSVSTDVLVNTYRKLR
;
A
2 'polypeptide(L)'
;AGSNTEFASNSSVLSLVNFTVDPQKAYLDFVNAGGAPLTNCVKMLTPKTGTGIAISVKPESTADQETYGGASVCLYCRAH
IEHPDVSGVCKYKGKFVQIPAQCVRDPVGFCLSNTPCNVCQYWIGYGCNCDSLRQAALPQ
;
B
#
loop_
_chem_comp.id
_chem_comp.type
_chem_comp.name
_chem_comp.formula
SAM non-polymer S-ADENOSYLMETHIONINE 'C15 H22 N6 O5 S'
ZN non-polymer 'ZINC ION' 'Zn 2'
#
# COMPACT_ATOMS: atom_id res chain seq x y z
N ALA A 1 25.98 -1.74 -8.37
CA ALA A 1 25.38 -1.11 -9.54
C ALA A 1 24.37 -0.01 -9.16
N SER A 2 24.44 1.15 -9.84
CA SER A 2 23.47 2.22 -9.63
C SER A 2 22.06 1.70 -9.48
N ALA A 3 21.60 0.84 -10.40
CA ALA A 3 20.22 0.44 -10.34
C ALA A 3 19.91 -0.32 -9.05
N ASP A 4 20.91 -0.91 -8.41
CA ASP A 4 20.62 -1.63 -7.18
C ASP A 4 20.21 -0.69 -6.06
N TRP A 5 20.59 0.58 -6.20
CA TRP A 5 20.26 1.59 -5.22
C TRP A 5 18.96 2.30 -5.53
N LYS A 6 18.41 2.12 -6.73
CA LYS A 6 17.09 2.60 -7.07
C LYS A 6 16.04 1.67 -6.51
N PRO A 7 14.78 2.12 -6.39
CA PRO A 7 13.73 1.21 -5.88
C PRO A 7 13.33 0.11 -6.86
N GLY A 8 13.64 0.24 -8.14
CA GLY A 8 13.33 -0.81 -9.11
C GLY A 8 13.55 -0.28 -10.51
N HIS A 9 12.90 -0.89 -11.50
CA HIS A 9 13.15 -0.57 -12.91
C HIS A 9 11.81 -0.19 -13.54
N ALA A 10 11.79 0.82 -14.39
CA ALA A 10 10.57 1.23 -15.09
C ALA A 10 10.74 0.93 -16.58
N MET A 11 9.73 0.37 -17.18
CA MET A 11 9.78 -0.02 -18.60
C MET A 11 10.13 1.17 -19.50
N PRO A 12 11.19 1.10 -20.29
CA PRO A 12 11.58 2.27 -21.09
C PRO A 12 10.83 2.33 -22.41
N SER A 13 10.83 3.53 -22.97
CA SER A 13 10.16 3.67 -24.26
C SER A 13 10.86 2.81 -25.32
N LEU A 14 12.16 2.53 -25.17
CA LEU A 14 12.83 1.54 -26.04
C LEU A 14 11.97 0.26 -26.23
N PHE A 15 11.33 -0.23 -25.16
CA PHE A 15 10.55 -1.44 -25.33
C PHE A 15 9.08 -1.17 -25.59
N LYS A 16 8.57 0.00 -25.17
CA LYS A 16 7.21 0.34 -25.45
C LYS A 16 6.96 0.40 -26.94
N VAL A 17 7.97 0.79 -27.75
CA VAL A 17 7.70 0.96 -29.21
C VAL A 17 7.94 -0.29 -30.03
N GLN A 18 8.30 -1.43 -29.41
CA GLN A 18 8.61 -2.62 -30.19
C GLN A 18 7.33 -3.27 -30.70
N ASN A 19 7.53 -4.31 -31.51
CA ASN A 19 6.43 -4.98 -32.20
C ASN A 19 6.84 -6.45 -32.34
N VAL A 20 6.43 -7.25 -31.37
CA VAL A 20 6.93 -8.62 -31.20
C VAL A 20 5.76 -9.48 -30.75
N ASN A 21 5.94 -10.79 -30.89
CA ASN A 21 4.96 -11.73 -30.38
C ASN A 21 5.09 -11.90 -28.86
N LEU A 22 3.97 -12.29 -28.26
CA LEU A 22 4.00 -12.64 -26.85
C LEU A 22 4.76 -13.94 -26.70
N GLU A 23 5.79 -13.94 -25.84
CA GLU A 23 6.63 -15.12 -25.59
C GLU A 23 6.57 -15.46 -24.11
N ARG A 24 7.07 -16.63 -23.74
CA ARG A 24 7.12 -16.99 -22.33
C ARG A 24 8.09 -16.06 -21.60
N CYS A 25 7.81 -15.82 -20.34
CA CYS A 25 8.68 -14.97 -19.54
C CYS A 25 9.74 -15.88 -18.90
N GLU A 26 11.02 -15.64 -19.22
CA GLU A 26 12.12 -16.48 -18.71
C GLU A 26 13.10 -15.61 -17.95
N LEU A 27 13.03 -15.58 -16.63
CA LEU A 27 13.92 -14.75 -15.82
C LEU A 27 15.04 -15.59 -15.24
N ALA A 28 16.27 -15.06 -15.27
CA ALA A 28 17.43 -15.84 -14.86
C ALA A 28 17.40 -16.17 -13.37
N ASN A 29 16.83 -15.30 -12.54
CA ASN A 29 16.95 -15.44 -11.09
C ASN A 29 15.66 -15.94 -10.43
N TYR A 30 14.70 -16.46 -11.21
CA TYR A 30 13.36 -16.77 -10.70
C TYR A 30 13.33 -17.70 -9.46
N PRO A 35 14.53 -13.07 -2.54
CA PRO A 35 15.41 -13.96 -1.82
C PRO A 35 16.18 -13.18 -0.76
N MET A 36 16.28 -11.87 -0.94
CA MET A 36 16.81 -11.05 0.14
C MET A 36 15.76 -10.93 1.25
N PRO A 37 16.09 -11.17 2.50
CA PRO A 37 15.16 -10.86 3.59
C PRO A 37 15.42 -9.44 4.11
N ARG A 38 14.55 -9.00 5.03
CA ARG A 38 14.78 -7.71 5.68
C ARG A 38 14.20 -7.66 7.09
N GLY A 39 14.09 -8.81 7.78
CA GLY A 39 13.33 -8.89 9.03
C GLY A 39 11.82 -8.69 8.85
N VAL A 40 11.44 -7.70 8.06
CA VAL A 40 10.01 -7.41 7.94
C VAL A 40 9.39 -8.28 6.85
N HIS A 41 8.06 -8.27 6.72
CA HIS A 41 7.41 -8.94 5.59
C HIS A 41 7.97 -8.40 4.28
N MET A 42 8.14 -9.30 3.30
CA MET A 42 8.60 -8.90 1.97
C MET A 42 7.75 -7.77 1.37
N ASN A 43 6.42 -7.83 1.55
CA ASN A 43 5.57 -6.77 1.03
C ASN A 43 5.88 -5.41 1.64
N ILE A 44 6.47 -5.35 2.84
CA ILE A 44 6.94 -4.06 3.32
C ILE A 44 7.92 -3.46 2.33
N ALA A 45 8.91 -4.24 1.90
CA ALA A 45 9.93 -3.69 1.01
C ALA A 45 9.34 -3.40 -0.37
N LYS A 46 8.45 -4.26 -0.85
CA LYS A 46 7.84 -4.08 -2.15
C LYS A 46 7.01 -2.80 -2.17
N TYR A 47 6.16 -2.63 -1.17
CA TYR A 47 5.35 -1.42 -1.18
C TYR A 47 6.20 -0.17 -1.01
N MET A 48 7.23 -0.22 -0.14
CA MET A 48 8.01 0.98 0.04
C MET A 48 8.74 1.35 -1.24
N GLN A 49 9.19 0.36 -1.99
CA GLN A 49 9.84 0.65 -3.26
C GLN A 49 8.86 1.21 -4.28
N LEU A 50 7.64 0.69 -4.31
CA LEU A 50 6.65 1.31 -5.20
C LEU A 50 6.40 2.76 -4.81
N CYS A 51 6.27 3.00 -3.50
CA CYS A 51 6.14 4.36 -3.00
C CYS A 51 7.33 5.24 -3.35
N GLN A 52 8.56 4.68 -3.22
CA GLN A 52 9.72 5.49 -3.56
C GLN A 52 9.67 5.91 -5.04
N TYR A 53 9.25 5.00 -5.90
CA TYR A 53 9.14 5.33 -7.33
C TYR A 53 8.06 6.38 -7.56
N LEU A 54 6.91 6.21 -6.93
CA LEU A 54 5.84 7.21 -7.03
C LEU A 54 6.28 8.57 -6.50
N ASN A 55 7.16 8.62 -5.51
CA ASN A 55 7.75 9.89 -5.07
C ASN A 55 8.44 10.66 -6.21
N THR A 56 8.87 9.97 -7.27
CA THR A 56 9.54 10.63 -8.40
C THR A 56 8.56 10.96 -9.50
N CYS A 57 7.28 10.65 -9.29
CA CYS A 57 6.25 10.89 -10.30
C CYS A 57 5.47 12.13 -9.91
N THR A 58 4.74 12.74 -10.88
CA THR A 58 3.98 13.96 -10.55
C THR A 58 2.59 13.63 -9.99
N LEU A 59 2.58 12.93 -8.85
CA LEU A 59 1.30 12.60 -8.24
C LEU A 59 0.60 13.82 -7.68
N ALA A 60 -0.72 13.90 -7.90
CA ALA A 60 -1.55 14.86 -7.15
C ALA A 60 -1.69 14.44 -5.71
N VAL A 61 -1.40 15.36 -4.78
CA VAL A 61 -1.46 15.08 -3.34
C VAL A 61 -2.28 16.16 -2.64
N PRO A 62 -3.61 16.08 -2.65
CA PRO A 62 -4.44 17.11 -2.02
C PRO A 62 -4.58 16.88 -0.52
N ALA A 63 -5.23 17.84 0.13
CA ALA A 63 -5.78 17.61 1.46
C ALA A 63 -6.88 16.55 1.37
N ASN A 64 -7.06 15.77 2.47
CA ASN A 64 -8.06 14.72 2.50
C ASN A 64 -7.95 13.77 1.28
N MET A 65 -6.71 13.41 0.93
CA MET A 65 -6.43 12.61 -0.26
C MET A 65 -7.17 11.28 -0.19
N ARG A 66 -7.82 10.90 -1.30
CA ARG A 66 -8.70 9.71 -1.37
C ARG A 66 -7.95 8.55 -2.01
N VAL A 67 -7.62 7.54 -1.20
CA VAL A 67 -6.81 6.42 -1.65
C VAL A 67 -7.59 5.12 -1.43
N ILE A 68 -7.72 4.30 -2.47
CA ILE A 68 -8.30 2.96 -2.32
C ILE A 68 -7.24 1.93 -2.63
N HIS A 69 -7.17 0.89 -1.80
CA HIS A 69 -6.16 -0.14 -1.89
C HIS A 69 -6.86 -1.49 -1.96
N PHE A 70 -6.83 -2.11 -3.14
CA PHE A 70 -7.52 -3.38 -3.39
C PHE A 70 -6.52 -4.52 -3.28
N GLY A 71 -6.98 -5.66 -2.76
CA GLY A 71 -6.08 -6.81 -2.56
C GLY A 71 -5.13 -6.53 -1.40
N ALA A 72 -5.63 -5.87 -0.35
CA ALA A 72 -4.80 -5.43 0.76
C ALA A 72 -4.51 -6.54 1.78
N GLY A 73 -5.23 -7.65 1.71
CA GLY A 73 -5.10 -8.69 2.71
C GLY A 73 -4.09 -9.75 2.31
N SER A 74 -3.87 -10.67 3.24
CA SER A 74 -2.89 -11.73 3.05
C SER A 74 -3.39 -12.97 3.78
N ASP A 75 -2.81 -14.12 3.46
CA ASP A 75 -3.16 -15.35 4.18
C ASP A 75 -2.77 -15.30 5.66
N LYS A 76 -2.00 -14.30 6.07
CA LYS A 76 -1.75 -14.08 7.48
C LYS A 76 -2.82 -13.22 8.14
N GLY A 77 -3.76 -12.66 7.38
CA GLY A 77 -4.78 -11.85 8.04
C GLY A 77 -4.36 -10.45 8.42
N ILE A 78 -3.21 -9.98 7.91
CA ILE A 78 -2.70 -8.65 8.16
C ILE A 78 -2.42 -7.97 6.82
N ALA A 79 -2.04 -6.69 6.84
CA ALA A 79 -2.02 -5.85 5.61
C ALA A 79 -0.77 -4.98 5.61
N PRO A 80 0.39 -5.57 5.35
CA PRO A 80 1.62 -4.79 5.41
C PRO A 80 1.62 -3.60 4.44
N GLY A 81 1.14 -3.81 3.21
CA GLY A 81 1.07 -2.70 2.24
C GLY A 81 0.24 -1.54 2.72
N THR A 82 -0.91 -1.82 3.37
CA THR A 82 -1.70 -0.72 3.92
C THR A 82 -0.93 0.05 4.97
N SER A 83 -0.13 -0.65 5.79
CA SER A 83 0.62 0.08 6.78
C SER A 83 1.70 0.94 6.12
N VAL A 84 2.31 0.43 5.05
CA VAL A 84 3.26 1.28 4.32
C VAL A 84 2.53 2.50 3.78
N LEU A 85 1.32 2.31 3.25
CA LEU A 85 0.59 3.46 2.71
C LEU A 85 0.33 4.46 3.83
N ARG A 86 -0.06 3.97 5.00
CA ARG A 86 -0.24 4.85 6.14
C ARG A 86 1.05 5.62 6.44
N GLN A 87 2.19 4.94 6.39
CA GLN A 87 3.44 5.62 6.71
C GLN A 87 3.79 6.63 5.62
N TRP A 88 3.42 6.31 4.39
CA TRP A 88 3.83 7.15 3.26
C TRP A 88 2.95 8.38 3.07
N LEU A 89 1.63 8.18 3.04
CA LEU A 89 0.64 9.22 2.71
C LEU A 89 0.55 10.32 3.77
N PRO A 90 -0.04 11.47 3.42
CA PRO A 90 -0.26 12.51 4.43
C PRO A 90 -1.15 11.99 5.55
N THR A 91 -0.96 12.54 6.75
CA THR A 91 -1.75 12.08 7.89
C THR A 91 -3.25 12.19 7.66
N ASP A 92 -3.69 13.20 6.92
CA ASP A 92 -5.11 13.38 6.63
C ASP A 92 -5.56 12.64 5.35
N ALA A 93 -4.73 11.79 4.74
CA ALA A 93 -5.25 10.97 3.65
C ALA A 93 -6.29 9.99 4.18
N ILE A 94 -7.33 9.71 3.39
CA ILE A 94 -8.29 8.66 3.74
C ILE A 94 -7.84 7.39 3.02
N ILE A 95 -7.63 6.29 3.74
CA ILE A 95 -7.29 5.02 3.11
C ILE A 95 -8.48 4.09 3.28
N ILE A 96 -8.92 3.55 2.17
CA ILE A 96 -9.93 2.48 2.15
C ILE A 96 -9.26 1.26 1.59
N ASP A 97 -9.38 0.13 2.28
CA ASP A 97 -8.80 -1.06 1.70
C ASP A 97 -9.80 -2.22 1.66
N ASN A 98 -9.44 -3.23 0.86
CA ASN A 98 -10.40 -4.26 0.48
C ASN A 98 -9.67 -5.55 0.18
N ASP A 99 -10.31 -6.66 0.53
CA ASP A 99 -9.79 -7.95 0.13
C ASP A 99 -10.95 -8.92 0.16
N LEU A 100 -10.86 -9.96 -0.68
CA LEU A 100 -11.83 -11.05 -0.56
C LEU A 100 -11.87 -11.62 0.86
N ASN A 101 -10.72 -11.73 1.53
CA ASN A 101 -10.71 -12.41 2.82
C ASN A 101 -10.57 -11.44 3.97
N GLU A 102 -10.99 -11.92 5.13
CA GLU A 102 -10.94 -11.12 6.34
C GLU A 102 -9.50 -10.80 6.68
N PHE A 103 -9.26 -9.58 7.15
CA PHE A 103 -7.91 -9.18 7.59
C PHE A 103 -8.06 -7.98 8.51
N VAL A 104 -6.96 -7.57 9.13
CA VAL A 104 -7.01 -6.38 9.98
C VAL A 104 -5.92 -5.42 9.52
N SER A 105 -6.22 -4.12 9.51
CA SER A 105 -5.35 -3.15 8.86
C SER A 105 -5.45 -1.80 9.54
N ASP A 106 -4.53 -0.93 9.17
CA ASP A 106 -4.51 0.45 9.61
C ASP A 106 -5.25 1.38 8.67
N ALA A 107 -6.09 0.83 7.78
CA ALA A 107 -6.88 1.70 6.92
C ALA A 107 -7.90 2.49 7.74
N ASP A 108 -8.43 3.56 7.16
CA ASP A 108 -9.59 4.22 7.77
C ASP A 108 -10.84 3.38 7.57
N ILE A 109 -11.03 2.81 6.40
CA ILE A 109 -12.19 1.95 6.12
C ILE A 109 -11.67 0.64 5.56
N THR A 110 -12.17 -0.50 6.06
CA THR A 110 -11.77 -1.80 5.53
C THR A 110 -13.02 -2.57 5.12
N LEU A 111 -13.09 -3.01 3.85
CA LEU A 111 -14.24 -3.71 3.30
C LEU A 111 -13.82 -5.12 2.91
N PHE A 112 -14.55 -6.11 3.42
CA PHE A 112 -14.33 -7.51 3.06
C PHE A 112 -15.21 -7.90 1.87
N GLY A 113 -14.71 -8.81 1.05
CA GLY A 113 -15.45 -9.33 -0.09
C GLY A 113 -14.80 -8.95 -1.41
N ASP A 114 -15.35 -9.55 -2.46
CA ASP A 114 -14.97 -9.23 -3.84
C ASP A 114 -14.97 -7.72 -4.09
N CYS A 115 -13.94 -7.22 -4.84
CA CYS A 115 -13.90 -5.78 -5.03
C CYS A 115 -15.15 -5.26 -5.75
N VAL A 116 -15.81 -6.11 -6.55
CA VAL A 116 -17.05 -5.69 -7.21
C VAL A 116 -18.13 -5.28 -6.20
N THR A 117 -18.02 -5.73 -4.95
CA THR A 117 -18.97 -5.26 -3.94
C THR A 117 -18.62 -3.88 -3.41
N VAL A 118 -17.47 -3.32 -3.80
CA VAL A 118 -17.05 -2.02 -3.30
C VAL A 118 -17.66 -0.91 -4.15
N ARG A 119 -18.53 -0.13 -3.52
CA ARG A 119 -19.29 0.93 -4.17
C ARG A 119 -18.60 2.24 -3.84
N VAL A 120 -17.96 2.85 -4.84
CA VAL A 120 -17.31 4.13 -4.67
C VAL A 120 -18.33 5.18 -5.05
N GLY A 121 -18.77 5.98 -4.08
CA GLY A 121 -19.76 6.99 -4.38
C GLY A 121 -19.18 8.17 -5.13
N GLN A 122 -17.94 8.54 -4.80
CA GLN A 122 -17.32 9.77 -5.29
C GLN A 122 -15.99 9.40 -5.95
N GLN A 123 -15.45 10.26 -6.81
CA GLN A 123 -14.17 9.93 -7.45
C GLN A 123 -13.03 9.92 -6.44
N VAL A 124 -12.01 9.11 -6.71
CA VAL A 124 -10.87 9.03 -5.80
C VAL A 124 -9.63 9.55 -6.52
N ASP A 125 -8.56 9.68 -5.74
CA ASP A 125 -7.35 10.34 -6.20
C ASP A 125 -6.24 9.36 -6.55
N LEU A 126 -6.23 8.19 -5.92
CA LEU A 126 -5.15 7.23 -6.09
C LEU A 126 -5.74 5.83 -5.90
N VAL A 127 -5.49 4.94 -6.85
CA VAL A 127 -5.93 3.53 -6.71
C VAL A 127 -4.68 2.68 -6.71
N ILE A 128 -4.52 1.83 -5.68
CA ILE A 128 -3.45 0.84 -5.62
C ILE A 128 -4.13 -0.51 -5.66
N SER A 129 -3.71 -1.38 -6.56
CA SER A 129 -4.26 -2.74 -6.56
C SER A 129 -3.13 -3.73 -6.49
N ASP A 130 -3.25 -4.68 -5.55
CA ASP A 130 -2.37 -5.83 -5.52
C ASP A 130 -3.19 -7.08 -5.72
N MET A 131 -4.36 -6.94 -6.31
CA MET A 131 -5.22 -8.10 -6.54
C MET A 131 -4.52 -9.10 -7.46
N TYR A 132 -4.70 -10.37 -7.14
CA TYR A 132 -4.08 -11.47 -7.88
C TYR A 132 -4.80 -12.75 -7.48
N ASP A 133 -5.25 -13.52 -8.46
CA ASP A 133 -5.88 -14.81 -8.23
C ASP A 133 -4.85 -15.90 -8.50
N PRO A 134 -4.37 -16.61 -7.48
CA PRO A 134 -3.31 -17.61 -7.75
C PRO A 134 -3.68 -18.62 -8.83
N THR A 135 -4.95 -19.00 -8.91
CA THR A 135 -5.37 -19.95 -9.94
C THR A 135 -5.13 -19.37 -11.31
N SER A 142 -2.56 -21.21 -23.66
CA SER A 142 -2.06 -19.97 -24.26
C SER A 142 -2.45 -18.76 -23.39
N ASN A 143 -1.55 -17.77 -23.32
CA ASN A 143 -1.62 -16.66 -22.37
C ASN A 143 -2.48 -15.55 -22.99
N GLU A 144 -3.77 -15.62 -22.71
CA GLU A 144 -4.74 -14.68 -23.23
C GLU A 144 -4.98 -13.59 -22.21
N SER A 145 -5.47 -12.44 -22.70
CA SER A 145 -5.89 -11.36 -21.80
C SER A 145 -6.93 -11.86 -20.81
N LYS A 146 -6.89 -11.33 -19.62
CA LYS A 146 -7.67 -11.87 -18.51
C LYS A 146 -8.71 -10.83 -18.11
N ALA A 147 -9.83 -11.32 -17.59
CA ALA A 147 -10.95 -10.48 -17.13
C ALA A 147 -10.88 -10.33 -15.62
N LEU A 148 -11.58 -11.18 -14.88
CA LEU A 148 -11.44 -11.23 -13.42
C LEU A 148 -11.78 -9.83 -12.83
N PHE A 149 -11.01 -9.35 -11.84
CA PHE A 149 -11.20 -8.02 -11.27
C PHE A 149 -10.71 -6.92 -12.20
N PHE A 150 -10.08 -7.26 -13.31
CA PHE A 150 -9.63 -6.20 -14.22
C PHE A 150 -10.84 -5.48 -14.86
N THR A 151 -11.97 -6.18 -15.01
CA THR A 151 -13.14 -5.50 -15.58
C THR A 151 -13.60 -4.40 -14.63
N TYR A 152 -13.63 -4.73 -13.33
CA TYR A 152 -13.99 -3.73 -12.32
C TYR A 152 -13.01 -2.55 -12.31
N LEU A 153 -11.71 -2.84 -12.35
CA LEU A 153 -10.74 -1.74 -12.30
C LEU A 153 -10.87 -0.83 -13.52
N CYS A 154 -11.09 -1.42 -14.69
CA CYS A 154 -11.17 -0.59 -15.90
C CYS A 154 -12.35 0.37 -15.78
N ASN A 155 -13.49 -0.15 -15.33
CA ASN A 155 -14.67 0.69 -15.17
C ASN A 155 -14.43 1.75 -14.11
N LEU A 156 -13.70 1.41 -13.03
CA LEU A 156 -13.33 2.41 -12.04
C LEU A 156 -12.52 3.54 -12.66
N ILE A 157 -11.51 3.20 -13.48
CA ILE A 157 -10.72 4.27 -14.09
C ILE A 157 -11.62 5.17 -14.92
N ASN A 158 -12.56 4.58 -15.66
CA ASN A 158 -13.39 5.41 -16.54
C ASN A 158 -14.44 6.24 -15.79
N ASN A 159 -14.78 5.89 -14.53
CA ASN A 159 -15.91 6.54 -13.89
C ASN A 159 -15.60 7.14 -12.52
N ASN A 160 -14.68 6.51 -11.75
CA ASN A 160 -14.56 6.88 -10.35
C ASN A 160 -13.19 7.40 -10.01
N LEU A 161 -12.44 7.82 -10.99
CA LEU A 161 -11.09 8.35 -10.78
C LEU A 161 -11.09 9.85 -11.12
N ALA A 162 -10.57 10.69 -10.22
CA ALA A 162 -10.47 12.13 -10.53
C ALA A 162 -9.59 12.35 -11.75
N LEU A 163 -9.95 13.36 -12.54
CA LEU A 163 -8.94 13.92 -13.46
C LEU A 163 -7.72 14.37 -12.65
N GLY A 164 -6.52 13.98 -13.10
CA GLY A 164 -5.30 14.21 -12.36
C GLY A 164 -4.92 13.07 -11.42
N GLY A 165 -5.87 12.18 -11.14
CA GLY A 165 -5.61 11.01 -10.29
C GLY A 165 -4.68 10.00 -10.94
N SER A 166 -4.19 9.04 -10.11
CA SER A 166 -3.24 8.07 -10.63
C SER A 166 -3.61 6.67 -10.15
N VAL A 167 -3.04 5.66 -10.82
CA VAL A 167 -3.27 4.25 -10.44
C VAL A 167 -1.95 3.48 -10.45
N ALA A 168 -1.87 2.43 -9.63
CA ALA A 168 -0.74 1.49 -9.64
C ALA A 168 -1.33 0.11 -9.50
N ILE A 169 -1.30 -0.68 -10.58
CA ILE A 169 -2.08 -1.92 -10.63
C ILE A 169 -1.17 -3.09 -10.88
N LYS A 170 -1.18 -4.03 -9.95
CA LYS A 170 -0.27 -5.17 -10.07
C LYS A 170 -0.67 -6.07 -11.23
N ILE A 171 0.31 -6.43 -12.06
CA ILE A 171 0.09 -7.40 -13.12
C ILE A 171 1.24 -8.40 -13.05
N THR A 172 1.11 -9.49 -13.82
CA THR A 172 2.18 -10.47 -13.94
C THR A 172 2.20 -10.96 -15.38
N GLU A 173 3.05 -11.96 -15.64
CA GLU A 173 3.06 -12.58 -16.95
C GLU A 173 1.67 -13.08 -17.34
N HIS A 174 0.97 -13.77 -16.43
CA HIS A 174 -0.36 -14.35 -16.73
C HIS A 174 -1.56 -13.53 -16.20
N SER A 175 -1.34 -12.59 -15.32
CA SER A 175 -2.42 -11.82 -14.72
C SER A 175 -2.33 -10.42 -15.34
N TRP A 176 -3.05 -10.22 -16.45
CA TRP A 176 -2.97 -8.93 -17.13
C TRP A 176 -4.23 -8.80 -18.00
N SER A 177 -4.42 -7.62 -18.55
CA SER A 177 -5.65 -7.20 -19.22
C SER A 177 -5.32 -6.32 -20.41
N VAL A 178 -5.83 -6.69 -21.60
CA VAL A 178 -5.67 -5.81 -22.77
C VAL A 178 -6.29 -4.45 -22.49
N GLU A 179 -7.50 -4.40 -21.95
CA GLU A 179 -8.17 -3.10 -21.80
C GLU A 179 -7.46 -2.21 -20.79
N LEU A 180 -6.86 -2.80 -19.76
CA LEU A 180 -6.13 -1.96 -18.81
C LEU A 180 -4.89 -1.31 -19.43
N TYR A 181 -4.11 -2.05 -20.24
CA TYR A 181 -3.03 -1.37 -20.97
C TYR A 181 -3.57 -0.24 -21.83
N GLU A 182 -4.64 -0.49 -22.57
CA GLU A 182 -5.16 0.59 -23.43
C GLU A 182 -5.55 1.82 -22.61
N LEU A 183 -6.19 1.62 -21.44
CA LEU A 183 -6.53 2.77 -20.57
C LEU A 183 -5.32 3.57 -20.11
N MET A 184 -4.12 2.98 -20.08
CA MET A 184 -2.93 3.78 -19.75
C MET A 184 -2.75 4.94 -20.73
N GLY A 185 -3.29 4.82 -21.96
CA GLY A 185 -3.24 5.91 -22.93
C GLY A 185 -4.09 7.11 -22.60
N LYS A 186 -4.89 7.03 -21.52
CA LYS A 186 -5.71 8.16 -21.08
C LYS A 186 -5.06 8.90 -19.91
N PHE A 187 -3.87 8.54 -19.55
CA PHE A 187 -3.10 9.29 -18.55
C PHE A 187 -2.04 10.16 -19.23
N ALA A 188 -1.55 11.16 -18.50
CA ALA A 188 -0.49 11.98 -19.06
C ALA A 188 0.79 11.18 -19.27
N TRP A 189 1.01 10.14 -18.47
CA TRP A 189 2.25 9.36 -18.57
C TRP A 189 1.95 7.99 -17.97
N TRP A 190 2.67 6.95 -18.40
CA TRP A 190 2.43 5.62 -17.82
C TRP A 190 3.71 4.82 -17.97
N THR A 191 3.79 3.73 -17.21
CA THR A 191 4.90 2.80 -17.37
C THR A 191 4.51 1.50 -16.67
N VAL A 192 5.42 0.51 -16.69
CA VAL A 192 5.34 -0.64 -15.81
C VAL A 192 6.58 -0.58 -14.91
N PHE A 193 6.34 -0.65 -13.60
CA PHE A 193 7.42 -0.51 -12.63
C PHE A 193 7.57 -1.85 -11.90
N CYS A 194 8.81 -2.35 -11.82
CA CYS A 194 9.13 -3.63 -11.15
C CYS A 194 10.07 -3.34 -9.97
N THR A 195 9.66 -3.72 -8.75
CA THR A 195 10.49 -3.44 -7.60
C THR A 195 11.77 -4.29 -7.65
N ASN A 196 12.86 -3.70 -7.12
CA ASN A 196 14.06 -4.54 -6.93
C ASN A 196 13.83 -5.63 -5.88
N ALA A 197 12.90 -5.41 -4.95
CA ALA A 197 12.70 -6.42 -3.91
C ALA A 197 12.10 -7.70 -4.47
N ASN A 198 11.43 -7.64 -5.61
CA ASN A 198 10.75 -8.78 -6.19
C ASN A 198 11.13 -8.91 -7.67
N ALA A 199 12.36 -8.52 -7.99
CA ALA A 199 12.86 -8.47 -9.36
C ALA A 199 12.89 -9.82 -10.04
N SER A 200 12.89 -10.93 -9.30
CA SER A 200 12.90 -12.21 -9.96
C SER A 200 11.50 -12.74 -10.30
N SER A 201 10.44 -11.96 -10.06
CA SER A 201 9.08 -12.30 -10.46
C SER A 201 8.71 -11.50 -11.71
N SER A 202 7.83 -12.06 -12.54
CA SER A 202 7.27 -11.32 -13.67
C SER A 202 6.29 -10.25 -13.21
N GLU A 203 6.04 -10.12 -11.90
CA GLU A 203 5.22 -9.02 -11.39
C GLU A 203 5.71 -7.65 -11.87
N GLY A 204 4.77 -6.74 -12.13
CA GLY A 204 5.10 -5.34 -12.28
C GLY A 204 3.85 -4.60 -11.90
N PHE A 205 4.04 -3.30 -11.66
CA PHE A 205 2.92 -2.42 -11.38
C PHE A 205 2.69 -1.51 -12.56
N LEU A 206 1.55 -1.69 -13.19
CA LEU A 206 1.17 -0.78 -14.25
C LEU A 206 0.78 0.54 -13.64
N LEU A 207 1.51 1.59 -13.98
CA LEU A 207 1.32 2.91 -13.40
C LEU A 207 0.68 3.80 -14.45
N GLY A 208 -0.46 4.40 -14.10
CA GLY A 208 -1.01 5.50 -14.88
C GLY A 208 -0.90 6.75 -14.02
N ILE A 209 -0.19 7.75 -14.50
CA ILE A 209 0.07 8.98 -13.70
C ILE A 209 -0.69 10.16 -14.32
N ASN A 210 -1.65 10.73 -13.56
CA ASN A 210 -2.41 11.94 -13.95
C ASN A 210 -3.44 11.64 -15.05
N TYR A 211 -4.61 11.20 -14.62
CA TYR A 211 -5.67 10.76 -15.53
C TYR A 211 -6.23 11.97 -16.28
N LEU A 212 -6.36 11.86 -17.61
CA LEU A 212 -6.87 12.97 -18.41
C LEU A 212 -8.26 12.71 -18.97
N GLY A 213 -8.77 11.47 -18.91
CA GLY A 213 -10.13 11.29 -19.36
C GLY A 213 -10.25 11.28 -20.88
N THR A 214 -9.13 11.28 -21.60
CA THR A 214 -9.16 11.38 -23.04
C THR A 214 -7.93 10.65 -23.55
N ILE A 215 -7.99 10.15 -24.78
CA ILE A 215 -6.92 9.30 -25.31
C ILE A 215 -5.76 10.18 -25.71
N LYS A 216 -4.64 10.04 -25.01
CA LYS A 216 -3.41 10.70 -25.36
C LYS A 216 -2.49 9.80 -26.17
N GLU A 217 -2.48 8.51 -25.90
CA GLU A 217 -1.64 7.57 -26.66
C GLU A 217 -2.52 6.40 -27.01
N ASN A 218 -2.48 6.01 -28.29
CA ASN A 218 -3.17 4.85 -28.79
C ASN A 218 -2.32 3.63 -28.51
N ILE A 219 -2.82 2.69 -27.73
CA ILE A 219 -2.02 1.54 -27.28
C ILE A 219 -2.78 0.30 -27.70
N ASP A 220 -2.06 -0.63 -28.31
CA ASP A 220 -2.52 -1.99 -28.55
C ASP A 220 -2.13 -2.81 -27.32
N GLY A 221 -3.12 -3.16 -26.47
CA GLY A 221 -2.80 -3.72 -25.17
C GLY A 221 -2.15 -5.10 -25.25
N GLY A 222 -2.60 -5.95 -26.17
CA GLY A 222 -1.96 -7.24 -26.41
C GLY A 222 -0.51 -7.11 -26.86
N ALA A 223 -0.25 -6.23 -27.82
CA ALA A 223 1.13 -5.99 -28.24
C ALA A 223 1.97 -5.41 -27.09
N MET A 224 1.38 -4.54 -26.26
CA MET A 224 2.18 -3.90 -25.21
C MET A 224 2.56 -4.90 -24.10
N HIS A 225 1.66 -5.82 -23.77
CA HIS A 225 2.06 -6.88 -22.82
C HIS A 225 3.20 -7.71 -23.39
N ALA A 226 3.16 -7.97 -24.71
CA ALA A 226 4.27 -8.67 -25.36
C ALA A 226 5.57 -7.86 -25.24
N ASN A 227 5.48 -6.53 -25.35
CA ASN A 227 6.63 -5.65 -25.16
C ASN A 227 7.11 -5.68 -23.71
N TYR A 228 6.18 -5.81 -22.77
CA TYR A 228 6.56 -5.87 -21.36
C TYR A 228 7.35 -7.12 -21.07
N ILE A 229 6.87 -8.27 -21.56
CA ILE A 229 7.59 -9.52 -21.39
C ILE A 229 8.95 -9.49 -22.11
N PHE A 230 8.99 -8.92 -23.34
CA PHE A 230 10.24 -8.78 -24.06
C PHE A 230 11.24 -7.94 -23.25
N TRP A 231 10.78 -6.87 -22.65
CA TRP A 231 11.61 -6.09 -21.73
C TRP A 231 12.10 -6.91 -20.55
N ARG A 232 11.19 -7.61 -19.86
CA ARG A 232 11.67 -8.44 -18.75
C ARG A 232 12.66 -9.50 -19.21
N ASN A 233 12.44 -10.09 -20.38
CA ASN A 233 13.36 -11.11 -20.87
C ASN A 233 14.72 -10.53 -21.26
N SER A 234 14.78 -9.24 -21.55
CA SER A 234 15.98 -8.57 -22.05
C SER A 234 16.80 -7.87 -20.95
N THR A 235 16.31 -7.85 -19.70
CA THR A 235 16.81 -6.86 -18.75
C THR A 235 17.28 -7.52 -17.47
N PRO A 236 18.59 -7.69 -17.28
CA PRO A 236 19.07 -8.15 -15.97
C PRO A 236 18.56 -7.25 -14.85
N MET A 237 17.96 -7.85 -13.84
CA MET A 237 17.60 -7.11 -12.63
C MET A 237 18.11 -7.89 -11.42
N ASN A 238 18.77 -7.21 -10.50
CA ASN A 238 19.25 -7.85 -9.28
C ASN A 238 18.30 -7.60 -8.12
N LEU A 239 18.02 -8.67 -7.37
CA LEU A 239 17.22 -8.52 -6.19
C LEU A 239 17.92 -7.51 -5.30
N SER A 240 17.16 -6.62 -4.68
CA SER A 240 17.86 -5.65 -3.85
C SER A 240 16.88 -4.88 -2.99
N THR A 241 17.38 -4.43 -1.86
CA THR A 241 16.63 -3.46 -1.07
C THR A 241 17.50 -2.29 -0.66
N TYR A 242 18.62 -2.05 -1.37
CA TYR A 242 19.51 -0.98 -0.96
C TYR A 242 18.80 0.38 -0.90
N SER A 243 17.76 0.56 -1.73
CA SER A 243 17.11 1.86 -1.79
C SER A 243 16.45 2.20 -0.45
N LEU A 244 16.17 1.20 0.38
CA LEU A 244 15.54 1.45 1.68
C LEU A 244 16.53 1.77 2.80
N PHE A 245 17.79 2.06 2.48
CA PHE A 245 18.78 2.36 3.52
C PHE A 245 18.64 3.78 4.03
N ASP A 246 18.32 4.72 3.17
CA ASP A 246 18.11 6.09 3.59
C ASP A 246 16.64 6.39 3.35
N LEU A 247 15.87 6.39 4.42
CA LEU A 247 14.45 6.66 4.39
C LEU A 247 14.14 8.09 4.78
N SER A 248 15.15 8.96 4.76
CA SER A 248 14.95 10.31 5.28
C SER A 248 13.96 11.11 4.45
N LYS A 249 13.76 10.76 3.18
CA LYS A 249 12.83 11.45 2.30
C LYS A 249 11.70 10.52 1.84
N PHE A 250 11.33 9.54 2.67
CA PHE A 250 10.39 8.54 2.17
C PHE A 250 8.96 9.07 2.06
N GLN A 251 8.55 9.92 2.99
CA GLN A 251 7.16 10.35 3.06
C GLN A 251 6.73 11.15 1.85
N LEU A 252 5.46 10.98 1.48
CA LEU A 252 4.97 11.66 0.28
C LEU A 252 4.96 13.16 0.53
N LYS A 253 5.52 13.92 -0.41
CA LYS A 253 5.58 15.37 -0.27
C LYS A 253 4.17 15.91 -0.08
N LEU A 254 4.01 16.88 0.81
CA LEU A 254 2.71 17.47 1.13
C LEU A 254 2.48 18.59 0.13
N LYS A 255 1.90 18.27 -1.02
CA LYS A 255 1.86 19.25 -2.10
C LYS A 255 0.71 20.26 -1.96
N GLY A 256 -0.32 19.96 -1.18
CA GLY A 256 -1.53 20.77 -1.17
C GLY A 256 -2.18 20.94 -2.53
N THR A 257 -2.22 19.90 -3.35
CA THR A 257 -2.74 20.02 -4.70
C THR A 257 -4.19 20.52 -4.66
N PRO A 258 -4.55 21.55 -5.41
CA PRO A 258 -5.93 22.05 -5.39
C PRO A 258 -6.88 21.04 -6.06
N VAL A 259 -8.12 21.00 -5.55
CA VAL A 259 -9.25 20.25 -6.14
C VAL A 259 -10.26 21.28 -6.64
N LEU A 260 -10.56 21.23 -7.93
CA LEU A 260 -11.51 22.10 -8.59
C LEU A 260 -12.67 21.29 -9.18
N GLN A 261 -13.89 21.84 -9.17
CA GLN A 261 -14.98 21.29 -9.96
C GLN A 261 -15.12 22.11 -11.22
N LEU A 262 -15.15 21.43 -12.37
CA LEU A 262 -15.25 22.08 -13.65
C LEU A 262 -16.15 21.27 -14.55
N LYS A 263 -16.94 21.93 -15.36
CA LYS A 263 -17.59 21.29 -16.49
C LYS A 263 -16.56 20.92 -17.55
N GLU A 264 -16.85 19.85 -18.29
CA GLU A 264 -15.96 19.45 -19.37
C GLU A 264 -15.83 20.57 -20.39
N SER A 265 -16.86 21.38 -20.54
CA SER A 265 -16.80 22.52 -21.45
C SER A 265 -15.69 23.50 -21.07
N GLN A 266 -15.34 23.57 -19.78
CA GLN A 266 -14.38 24.54 -19.30
C GLN A 266 -12.97 23.99 -19.26
N ILE A 267 -12.78 22.69 -19.46
CA ILE A 267 -11.45 22.09 -19.43
C ILE A 267 -10.69 22.50 -20.67
N ASN A 268 -9.83 23.54 -20.57
CA ASN A 268 -9.06 24.03 -21.69
C ASN A 268 -7.60 23.61 -21.63
N GLU A 269 -6.76 24.26 -22.43
CA GLU A 269 -5.36 23.85 -22.50
C GLU A 269 -4.62 24.11 -21.19
N LEU A 270 -4.90 25.24 -20.51
CA LEU A 270 -4.28 25.48 -19.21
C LEU A 270 -4.63 24.36 -18.25
N VAL A 271 -5.91 24.00 -18.16
CA VAL A 271 -6.30 22.95 -17.22
C VAL A 271 -5.62 21.63 -17.55
N ILE A 272 -5.60 21.27 -18.84
CA ILE A 272 -4.96 20.01 -19.22
C ILE A 272 -3.49 20.03 -18.84
N SER A 273 -2.82 21.15 -19.11
CA SER A 273 -1.42 21.26 -18.72
C SER A 273 -1.24 21.13 -17.20
N LEU A 274 -2.13 21.75 -16.38
CA LEU A 274 -1.99 21.61 -14.93
C LEU A 274 -2.24 20.16 -14.48
N LEU A 275 -3.28 19.53 -15.05
CA LEU A 275 -3.56 18.13 -14.74
C LEU A 275 -2.35 17.26 -15.08
N SER A 276 -1.74 17.51 -16.24
CA SER A 276 -0.62 16.67 -16.71
C SER A 276 0.64 16.87 -15.91
N GLN A 277 0.76 17.98 -15.18
CA GLN A 277 1.93 18.25 -14.38
C GLN A 277 1.77 17.84 -12.95
N GLY A 278 0.64 17.24 -12.59
CA GLY A 278 0.48 16.84 -11.22
C GLY A 278 0.07 17.98 -10.32
N LYS A 279 -0.46 19.05 -10.89
CA LYS A 279 -0.70 20.26 -10.10
C LYS A 279 -2.17 20.54 -9.88
N LEU A 280 -3.05 19.63 -10.31
CA LEU A 280 -4.49 19.87 -10.17
C LEU A 280 -5.26 18.55 -10.16
N LEU A 281 -6.35 18.52 -9.38
CA LEU A 281 -7.31 17.45 -9.50
C LEU A 281 -8.66 18.04 -9.88
N ILE A 282 -9.46 17.34 -10.71
CA ILE A 282 -10.85 17.74 -10.94
C ILE A 282 -11.76 16.63 -10.44
N ARG A 283 -12.60 16.95 -9.47
CA ARG A 283 -13.59 15.99 -8.95
C ARG A 283 -14.46 16.75 -7.96
N ASP A 284 -15.49 16.07 -7.48
CA ASP A 284 -16.29 16.57 -6.40
C ASP A 284 -15.39 16.82 -5.19
N ASN A 285 -15.81 17.76 -4.35
CA ASN A 285 -15.16 17.96 -3.06
C ASN A 285 -16.06 17.55 -1.91
N ASP A 286 -16.98 16.62 -2.16
CA ASP A 286 -17.94 16.13 -1.18
C ASP A 286 -17.29 15.47 0.03
N THR A 287 -18.10 14.82 0.85
CA THR A 287 -17.61 13.88 1.85
C THR A 287 -17.60 12.51 1.20
N LEU A 288 -16.47 11.82 1.34
CA LEU A 288 -16.32 10.55 0.63
C LEU A 288 -17.15 9.46 1.31
N SER A 289 -18.05 8.84 0.53
CA SER A 289 -18.82 7.68 0.94
C SER A 289 -18.38 6.47 0.12
N VAL A 290 -17.84 5.46 0.81
CA VAL A 290 -17.31 4.24 0.19
C VAL A 290 -17.77 3.09 1.05
N SER A 291 -18.63 2.23 0.49
CA SER A 291 -19.36 1.26 1.29
C SER A 291 -19.49 -0.06 0.53
N THR A 292 -19.81 -1.11 1.26
CA THR A 292 -20.07 -2.40 0.64
C THR A 292 -21.53 -2.46 0.19
N ASP A 293 -21.75 -2.88 -1.05
CA ASP A 293 -23.10 -3.09 -1.53
C ASP A 293 -23.64 -4.46 -1.11
N SER B 11 -2.11 -19.54 15.77
CA SER B 11 -3.56 -19.73 15.73
C SER B 11 -4.02 -20.51 16.93
N SER B 12 -3.06 -20.89 17.78
CA SER B 12 -3.42 -21.51 19.04
C SER B 12 -3.76 -20.44 20.08
N VAL B 13 -2.91 -19.41 20.22
CA VAL B 13 -3.21 -18.38 21.20
C VAL B 13 -4.41 -17.56 20.78
N LEU B 14 -4.61 -17.37 19.47
CA LEU B 14 -5.81 -16.69 18.97
C LEU B 14 -7.08 -17.48 19.28
N SER B 15 -6.99 -18.82 19.32
CA SER B 15 -8.13 -19.59 19.80
C SER B 15 -8.33 -19.37 21.29
N LEU B 16 -7.23 -19.36 22.04
CA LEU B 16 -7.29 -19.31 23.49
C LEU B 16 -7.99 -18.06 24.01
N VAL B 17 -7.64 -16.89 23.47
CA VAL B 17 -8.22 -15.64 23.99
C VAL B 17 -9.69 -15.47 23.62
N ASN B 18 -10.26 -16.39 22.84
CA ASN B 18 -11.69 -16.46 22.54
C ASN B 18 -12.48 -17.30 23.56
N PHE B 19 -11.85 -18.21 24.28
CA PHE B 19 -12.55 -19.07 25.23
C PHE B 19 -12.51 -18.51 26.64
N THR B 20 -12.43 -17.19 26.77
CA THR B 20 -12.19 -16.54 28.06
C THR B 20 -12.84 -15.16 28.13
N VAL B 21 -13.07 -14.73 29.38
CA VAL B 21 -13.63 -13.44 29.70
C VAL B 21 -12.55 -12.34 29.83
N ASP B 22 -11.29 -12.72 30.00
CA ASP B 22 -10.19 -11.79 30.28
C ASP B 22 -9.07 -12.09 29.27
N PRO B 23 -9.23 -11.65 28.02
CA PRO B 23 -8.24 -12.02 26.98
C PRO B 23 -6.84 -11.52 27.27
N GLN B 24 -6.72 -10.33 27.86
CA GLN B 24 -5.40 -9.83 28.23
C GLN B 24 -4.67 -10.80 29.16
N LYS B 25 -5.34 -11.25 30.23
CA LYS B 25 -4.69 -12.15 31.17
C LYS B 25 -4.34 -13.47 30.50
N ALA B 26 -5.25 -13.98 29.66
CA ALA B 26 -5.04 -15.27 29.03
C ALA B 26 -3.84 -15.24 28.09
N TYR B 27 -3.70 -14.16 27.31
CA TYR B 27 -2.53 -14.04 26.45
C TYR B 27 -1.25 -13.98 27.29
N LEU B 28 -1.26 -13.13 28.31
CA LEU B 28 -0.06 -12.92 29.11
C LEU B 28 0.33 -14.20 29.86
N ASP B 29 -0.65 -14.90 30.45
CA ASP B 29 -0.36 -16.16 31.14
C ASP B 29 0.16 -17.19 30.15
N PHE B 30 -0.37 -17.16 28.91
CA PHE B 30 0.04 -18.12 27.91
C PHE B 30 1.52 -17.92 27.55
N VAL B 31 1.91 -16.69 27.22
CA VAL B 31 3.31 -16.44 26.87
C VAL B 31 4.21 -16.53 28.10
N ASN B 32 3.69 -16.23 29.28
CA ASN B 32 4.52 -16.34 30.47
C ASN B 32 4.84 -17.79 30.82
N ALA B 33 4.10 -18.75 30.27
CA ALA B 33 4.34 -20.16 30.51
C ALA B 33 4.98 -20.85 29.31
N GLY B 34 5.62 -20.07 28.44
CA GLY B 34 6.32 -20.61 27.29
C GLY B 34 5.53 -20.67 25.99
N GLY B 35 4.31 -20.14 25.95
CA GLY B 35 3.57 -20.15 24.71
C GLY B 35 4.28 -19.31 23.68
N ALA B 36 4.07 -19.63 22.42
CA ALA B 36 4.70 -18.83 21.35
C ALA B 36 4.00 -17.48 21.22
N PRO B 37 4.74 -16.37 21.22
CA PRO B 37 4.12 -15.06 20.95
C PRO B 37 3.35 -15.09 19.65
N LEU B 38 2.35 -14.20 19.59
CA LEU B 38 1.68 -14.00 18.33
C LEU B 38 2.66 -13.47 17.31
N THR B 39 2.69 -14.10 16.15
CA THR B 39 3.60 -13.70 15.08
C THR B 39 2.92 -12.77 14.09
N ASN B 40 3.68 -12.36 13.07
CA ASN B 40 3.17 -11.56 11.97
C ASN B 40 2.71 -10.17 12.41
N CYS B 41 3.25 -9.66 13.51
CA CYS B 41 3.18 -8.23 13.73
C CYS B 41 3.88 -7.53 12.56
N VAL B 42 3.31 -6.42 12.11
CA VAL B 42 3.77 -5.70 10.92
C VAL B 42 4.85 -4.72 11.37
N LYS B 43 6.10 -5.15 11.33
CA LYS B 43 7.23 -4.29 11.66
C LYS B 43 7.60 -3.40 10.46
N MET B 44 7.68 -2.07 10.67
CA MET B 44 8.00 -1.15 9.57
C MET B 44 9.51 -0.90 9.49
N LEU B 45 9.96 -0.38 8.36
CA LEU B 45 11.32 0.14 8.23
C LEU B 45 11.23 1.65 8.35
N THR B 46 12.04 2.22 9.24
CA THR B 46 11.92 3.64 9.57
C THR B 46 13.31 4.25 9.66
N PRO B 47 13.43 5.56 9.48
CA PRO B 47 14.66 6.22 9.91
C PRO B 47 14.58 6.30 11.43
N LYS B 48 15.55 5.73 12.10
CA LYS B 48 15.40 5.63 13.55
C LYS B 48 15.78 6.97 14.20
N THR B 49 15.01 8.00 13.78
CA THR B 49 15.22 9.39 14.14
C THR B 49 13.97 10.02 14.78
N GLY B 50 13.04 9.19 15.25
CA GLY B 50 11.80 9.73 15.79
C GLY B 50 11.95 10.21 17.22
N THR B 51 10.83 10.68 17.77
CA THR B 51 10.77 11.18 19.13
C THR B 51 10.73 10.05 20.16
N GLY B 52 10.30 8.86 19.75
CA GLY B 52 10.27 7.73 20.66
C GLY B 52 9.02 7.58 21.50
N ILE B 53 7.98 8.40 21.26
CA ILE B 53 6.70 8.21 21.96
C ILE B 53 6.08 6.84 21.63
N ALA B 54 5.14 6.42 22.48
CA ALA B 54 4.61 5.06 22.42
C ALA B 54 3.80 4.82 21.15
N ILE B 55 2.84 5.72 20.87
CA ILE B 55 1.85 5.58 19.80
C ILE B 55 1.79 6.90 19.04
N SER B 56 1.74 6.83 17.70
CA SER B 56 1.94 8.05 16.93
C SER B 56 1.30 7.95 15.55
N VAL B 57 1.09 9.12 14.93
CA VAL B 57 0.49 9.19 13.60
C VAL B 57 1.43 8.61 12.56
N LYS B 58 2.72 8.80 12.75
CA LYS B 58 3.76 8.39 11.83
C LYS B 58 4.80 7.66 12.67
N PRO B 59 5.63 6.82 12.06
CA PRO B 59 6.69 6.16 12.82
C PRO B 59 7.51 7.18 13.61
N GLU B 60 7.77 6.85 14.88
CA GLU B 60 8.53 7.75 15.74
C GLU B 60 9.59 6.98 16.52
N SER B 61 10.05 5.88 15.96
CA SER B 61 11.03 5.06 16.64
C SER B 61 12.39 5.75 16.75
N THR B 62 13.02 5.60 17.92
CA THR B 62 14.41 5.95 18.13
C THR B 62 15.31 4.77 17.75
N ALA B 63 16.62 4.98 17.88
CA ALA B 63 17.60 3.94 17.62
C ALA B 63 17.42 2.75 18.55
N ASP B 64 16.70 2.93 19.67
CA ASP B 64 16.49 1.89 20.65
C ASP B 64 15.18 1.14 20.47
N GLN B 65 14.48 1.34 19.36
CA GLN B 65 13.10 0.88 19.25
C GLN B 65 12.83 0.34 17.85
N GLU B 66 11.71 -0.36 17.70
CA GLU B 66 11.16 -0.67 16.39
C GLU B 66 9.72 -0.14 16.32
N THR B 67 9.23 0.07 15.11
CA THR B 67 7.89 0.59 14.92
C THR B 67 7.02 -0.48 14.26
N TYR B 68 5.80 -0.65 14.79
CA TYR B 68 4.84 -1.60 14.22
C TYR B 68 3.58 -0.88 13.78
N GLY B 69 2.95 -1.41 12.73
CA GLY B 69 1.61 -0.98 12.41
C GLY B 69 0.70 -1.31 13.59
N GLY B 70 -0.15 -0.35 13.96
CA GLY B 70 -0.82 -0.46 15.26
C GLY B 70 -1.79 -1.63 15.33
N ALA B 71 -2.60 -1.82 14.27
CA ALA B 71 -3.60 -2.89 14.35
C ALA B 71 -2.92 -4.24 14.52
N SER B 72 -1.77 -4.46 13.88
CA SER B 72 -1.12 -5.78 13.98
C SER B 72 -0.53 -6.08 15.36
N VAL B 73 -0.39 -5.09 16.23
CA VAL B 73 0.06 -5.44 17.58
C VAL B 73 -1.05 -5.33 18.61
N CYS B 74 -2.29 -5.13 18.17
CA CYS B 74 -3.39 -5.07 19.13
C CYS B 74 -4.05 -6.44 19.22
N LEU B 75 -4.02 -7.06 20.42
CA LEU B 75 -4.66 -8.35 20.64
C LEU B 75 -6.11 -8.33 20.17
N TYR B 76 -6.85 -7.27 20.56
CA TYR B 76 -8.28 -7.25 20.29
C TYR B 76 -8.55 -7.19 18.79
N CYS B 77 -7.74 -6.42 18.06
CA CYS B 77 -7.81 -6.43 16.59
C CYS B 77 -7.44 -7.81 16.01
N ARG B 78 -6.31 -8.39 16.46
CA ARG B 78 -5.87 -9.63 15.80
C ARG B 78 -6.80 -10.80 16.08
N ALA B 79 -7.45 -10.83 17.23
CA ALA B 79 -8.34 -11.92 17.58
C ALA B 79 -9.79 -11.62 17.22
N HIS B 80 -10.05 -10.45 16.63
CA HIS B 80 -11.38 -10.04 16.19
C HIS B 80 -12.40 -10.11 17.33
N ILE B 81 -12.00 -9.56 18.49
CA ILE B 81 -12.85 -9.53 19.69
C ILE B 81 -13.08 -8.06 20.09
N GLU B 82 -14.09 -7.88 20.95
CA GLU B 82 -14.47 -6.54 21.39
C GLU B 82 -13.30 -5.83 22.08
N HIS B 83 -13.10 -4.59 21.71
CA HIS B 83 -12.11 -3.74 22.34
C HIS B 83 -12.59 -3.30 23.73
N PRO B 84 -11.69 -3.27 24.72
CA PRO B 84 -12.11 -2.92 26.09
C PRO B 84 -12.27 -1.44 26.34
N ASP B 85 -11.78 -0.60 25.43
CA ASP B 85 -11.87 0.83 25.55
C ASP B 85 -13.33 1.27 25.71
N VAL B 86 -13.56 2.20 26.65
CA VAL B 86 -14.91 2.64 26.93
C VAL B 86 -15.56 3.23 25.68
N SER B 87 -14.77 3.91 24.85
CA SER B 87 -15.29 4.50 23.62
C SER B 87 -15.52 3.47 22.51
N GLY B 88 -15.19 2.20 22.74
CA GLY B 88 -15.21 1.20 21.69
C GLY B 88 -14.12 1.35 20.64
N VAL B 89 -13.32 2.41 20.70
CA VAL B 89 -12.37 2.74 19.65
C VAL B 89 -10.97 2.27 20.04
N CYS B 90 -10.32 1.55 19.13
CA CYS B 90 -8.98 1.05 19.36
C CYS B 90 -7.97 2.19 19.51
N LYS B 91 -7.02 2.02 20.41
CA LYS B 91 -5.99 3.04 20.62
C LYS B 91 -4.81 2.87 19.69
N TYR B 92 -4.65 1.71 19.04
CA TYR B 92 -3.54 1.48 18.11
C TYR B 92 -3.92 1.57 16.65
N LYS B 93 -5.10 1.09 16.30
CA LYS B 93 -5.42 0.85 14.89
C LYS B 93 -5.36 2.14 14.11
N GLY B 94 -4.66 2.11 12.97
CA GLY B 94 -4.51 3.28 12.13
C GLY B 94 -3.39 4.18 12.57
N LYS B 95 -2.65 3.76 13.59
CA LYS B 95 -1.51 4.48 14.14
C LYS B 95 -0.31 3.55 14.12
N PHE B 96 0.84 4.09 14.53
CA PHE B 96 2.07 3.34 14.67
C PHE B 96 2.44 3.24 16.15
N VAL B 97 2.96 2.08 16.54
CA VAL B 97 3.30 1.77 17.93
C VAL B 97 4.80 1.49 18.03
N GLN B 98 5.48 2.24 18.88
CA GLN B 98 6.91 2.04 19.10
C GLN B 98 7.09 1.01 20.20
N ILE B 99 7.96 0.01 19.96
CA ILE B 99 8.27 -1.02 20.96
C ILE B 99 9.75 -0.91 21.30
N PRO B 100 10.17 -1.07 22.56
CA PRO B 100 11.60 -1.20 22.84
C PRO B 100 12.19 -2.34 22.02
N ALA B 101 13.43 -2.15 21.55
CA ALA B 101 14.07 -3.18 20.74
C ALA B 101 14.50 -4.40 21.57
N GLN B 102 14.46 -4.33 22.89
CA GLN B 102 14.70 -5.55 23.64
C GLN B 102 13.44 -6.41 23.72
N CYS B 103 12.29 -5.93 23.24
CA CYS B 103 11.00 -6.57 23.48
C CYS B 103 10.37 -7.06 22.19
N VAL B 104 11.17 -7.16 21.12
CA VAL B 104 10.65 -7.46 19.80
C VAL B 104 10.14 -8.90 19.67
N ARG B 105 10.49 -9.76 20.60
CA ARG B 105 10.05 -11.14 20.52
C ARG B 105 8.54 -11.26 20.70
N ASP B 106 7.90 -10.31 21.40
CA ASP B 106 6.47 -10.39 21.67
C ASP B 106 5.92 -8.98 21.78
N PRO B 107 5.72 -8.31 20.65
CA PRO B 107 5.13 -6.96 20.69
C PRO B 107 3.74 -6.92 21.26
N VAL B 108 2.89 -7.90 20.92
CA VAL B 108 1.55 -7.93 21.48
C VAL B 108 1.63 -8.06 23.00
N GLY B 109 2.52 -8.91 23.49
CA GLY B 109 2.66 -9.05 24.93
C GLY B 109 3.14 -7.77 25.58
N PHE B 110 4.14 -7.11 24.97
CA PHE B 110 4.61 -5.83 25.50
C PHE B 110 3.49 -4.81 25.61
N CYS B 111 2.64 -4.72 24.58
CA CYS B 111 1.57 -3.73 24.59
C CYS B 111 0.52 -4.04 25.63
N LEU B 112 0.20 -5.32 25.86
CA LEU B 112 -0.73 -5.68 26.93
C LEU B 112 -0.14 -5.48 28.32
N SER B 113 1.18 -5.41 28.42
CA SER B 113 1.87 -5.39 29.71
C SER B 113 2.22 -4.00 30.19
N ASN B 114 1.91 -2.98 29.40
CA ASN B 114 2.41 -1.62 29.60
C ASN B 114 1.34 -0.60 29.21
N THR B 115 1.57 0.64 29.60
CA THR B 115 0.65 1.76 29.42
C THR B 115 1.45 3.01 29.08
N PRO B 116 0.96 3.86 28.19
CA PRO B 116 1.63 5.14 27.96
C PRO B 116 1.19 6.21 28.96
N CYS B 117 2.16 7.04 29.36
CA CYS B 117 1.91 8.16 30.27
C CYS B 117 0.88 9.12 29.69
N ASN B 118 -0.06 9.54 30.53
CA ASN B 118 -1.15 10.34 29.99
C ASN B 118 -0.75 11.78 29.66
N VAL B 119 0.35 12.30 30.22
CA VAL B 119 0.70 13.65 29.80
C VAL B 119 2.01 13.72 29.01
N CYS B 120 2.91 12.73 29.15
CA CYS B 120 4.10 12.76 28.30
C CYS B 120 4.03 11.84 27.08
N GLN B 121 3.12 10.86 27.06
CA GLN B 121 2.87 9.96 25.93
C GLN B 121 3.96 8.91 25.70
N TYR B 122 5.01 8.87 26.51
CA TYR B 122 6.00 7.81 26.41
C TYR B 122 5.62 6.62 27.29
N TRP B 123 6.11 5.44 26.92
CA TRP B 123 5.88 4.24 27.72
C TRP B 123 6.42 4.46 29.13
N ILE B 124 5.60 4.18 30.13
CA ILE B 124 6.07 4.21 31.49
C ILE B 124 7.09 3.09 31.69
N GLY B 125 8.24 3.43 32.29
CA GLY B 125 9.38 2.53 32.36
C GLY B 125 10.21 2.43 31.09
N TYR B 126 9.76 3.02 29.98
CA TYR B 126 10.51 2.92 28.73
C TYR B 126 10.48 4.26 28.02
N GLY B 127 10.93 5.31 28.72
CA GLY B 127 11.01 6.63 28.13
C GLY B 127 10.33 7.76 28.89
N CYS B 128 9.27 7.47 29.64
CA CYS B 128 8.60 8.51 30.40
C CYS B 128 9.51 9.00 31.53
N ASN B 129 9.90 10.27 31.47
CA ASN B 129 10.76 10.88 32.47
C ASN B 129 9.96 11.75 33.44
N CYS B 130 8.72 11.38 33.72
CA CYS B 130 7.88 12.15 34.63
C CYS B 130 8.05 11.68 36.09
N SAM C . -1.21 -6.72 -0.68
CA SAM C . -1.07 -7.76 0.32
C SAM C . 0.01 -7.35 1.33
O SAM C . 0.68 -8.29 1.80
OXT SAM C . 0.11 -6.13 1.65
CB SAM C . -0.76 -9.11 -0.33
CG SAM C . -1.88 -9.27 -1.38
SD SAM C . -2.01 -10.93 -2.15
CE SAM C . -0.43 -11.20 -2.93
C5' SAM C . -3.36 -10.94 -3.39
C4' SAM C . -4.76 -10.60 -2.81
O4' SAM C . -5.72 -10.33 -3.88
C3' SAM C . -5.35 -11.88 -2.04
O3' SAM C . -5.36 -11.52 -0.67
C2' SAM C . -6.75 -12.00 -2.67
O2' SAM C . -7.77 -12.31 -1.71
C1' SAM C . -7.02 -10.60 -3.30
N9 SAM C . -8.07 -10.68 -4.40
C8 SAM C . -8.04 -11.45 -5.50
N7 SAM C . -9.14 -11.23 -6.24
C5 SAM C . -9.87 -10.31 -5.59
C6 SAM C . -11.06 -9.73 -5.85
N6 SAM C . -11.74 -10.08 -6.95
N1 SAM C . -11.60 -8.83 -5.04
C2 SAM C . -10.90 -8.46 -3.89
N3 SAM C . -9.66 -9.06 -3.60
C4 SAM C . -9.18 -9.97 -4.46
ZN ZN D . -7.35 -2.92 18.25
ZN ZN E . 5.43 10.82 31.50
#